data_6BSF
#
_entry.id   6BSF
#
_cell.length_a   38.345
_cell.length_b   87.907
_cell.length_c   103.702
_cell.angle_alpha   90.00
_cell.angle_beta   90.00
_cell.angle_gamma   90.00
#
_symmetry.space_group_name_H-M   'P 21 21 21'
#
loop_
_entity.id
_entity.type
_entity.pdbx_description
1 polymer 'Glucocorticoid receptor'
2 polymer "DNA (5'-D(P*TP*GP*CP*AP*AP*AP*TP*GP*TP*AP*CP*TP*AP*GP*CP*T)-3')"
3 polymer "DNA (5'-D(P*AP*AP*GP*CP*TP*AP*GP*TP*AP*CP*AP*TP*TP*TP*GP*C)-3')"
4 non-polymer 'ZINC ION'
5 water water
#
loop_
_entity_poly.entity_id
_entity_poly.type
_entity_poly.pdbx_seq_one_letter_code
_entity_poly.pdbx_strand_id
1 'polypeptide(L)'
;GSHMKLCLVCSDEASGCHYGVLTCGSCKVFFKRAVEGQHNYLCAGRNDCIIDKIRRKNCPACRYRKCLQAGMNLEARKTK
KKIKGIQQATT
;
B,A
2 'polydeoxyribonucleotide' (DT)(DG)(DC)(DA)(DA)(DA)(DT)(DG)(DT)(DA)(DC)(DT)(DA)(DG)(DC)(DT) C
3 'polydeoxyribonucleotide' (DA)(DA)(DG)(DC)(DT)(DA)(DG)(DT)(DA)(DC)(DA)(DT)(DT)(DT)(DG)(DC) D
#
loop_
_chem_comp.id
_chem_comp.type
_chem_comp.name
_chem_comp.formula
DA DNA linking 2'-DEOXYADENOSINE-5'-MONOPHOSPHATE 'C10 H14 N5 O6 P'
DC DNA linking 2'-DEOXYCYTIDINE-5'-MONOPHOSPHATE 'C9 H14 N3 O7 P'
DG DNA linking 2'-DEOXYGUANOSINE-5'-MONOPHOSPHATE 'C10 H14 N5 O7 P'
DT DNA linking THYMIDINE-5'-MONOPHOSPHATE 'C10 H15 N2 O8 P'
ZN non-polymer 'ZINC ION' 'Zn 2'
#
# COMPACT_ATOMS: atom_id res chain seq x y z
N HIS A 3 26.17 2.40 11.83
CA HIS A 3 25.96 3.36 12.91
C HIS A 3 24.69 3.03 13.66
N MET A 4 23.57 3.51 13.13
CA MET A 4 22.27 3.38 13.78
C MET A 4 21.61 2.04 13.43
N LYS A 5 21.14 1.33 14.46
CA LYS A 5 20.55 0.00 14.26
C LYS A 5 19.36 0.03 13.29
N LEU A 6 19.26 -0.99 12.44
CA LEU A 6 18.30 -1.02 11.34
C LEU A 6 17.38 -2.23 11.49
N CYS A 7 16.07 -1.96 11.57
CA CYS A 7 15.04 -2.99 11.55
C CYS A 7 15.23 -3.88 10.35
N LEU A 8 15.21 -5.21 10.57
CA LEU A 8 15.42 -6.17 9.47
C LEU A 8 14.17 -6.36 8.60
N VAL A 9 13.10 -5.64 8.87
CA VAL A 9 11.88 -5.71 8.10
C VAL A 9 11.72 -4.49 7.19
N CYS A 10 11.88 -3.27 7.73
CA CYS A 10 11.61 -2.04 6.98
C CYS A 10 12.78 -1.08 6.84
N SER A 11 13.89 -1.26 7.58
CA SER A 11 15.10 -0.45 7.59
C SER A 11 14.95 0.84 8.40
N ASP A 12 13.75 1.20 8.88
CA ASP A 12 13.61 2.27 9.86
C ASP A 12 14.53 1.97 11.05
N GLU A 13 14.84 3.00 11.84
CA GLU A 13 15.70 2.81 13.00
C GLU A 13 15.12 1.75 13.93
N ALA A 14 15.93 0.74 14.22
CA ALA A 14 15.53 -0.31 15.15
C ALA A 14 15.55 0.20 16.58
N SER A 15 14.54 -0.20 17.36
CA SER A 15 14.51 0.13 18.78
C SER A 15 15.00 -1.00 19.68
N GLY A 16 14.82 -2.25 19.27
CA GLY A 16 15.29 -3.36 20.06
C GLY A 16 15.10 -4.66 19.31
N CYS A 17 15.38 -5.76 20.00
CA CYS A 17 15.14 -7.09 19.48
C CYS A 17 13.77 -7.54 19.95
N HIS A 18 12.79 -7.53 19.04
CA HIS A 18 11.39 -7.77 19.33
C HIS A 18 10.93 -9.08 18.68
N TYR A 19 10.40 -9.97 19.50
CA TYR A 19 9.88 -11.24 19.01
C TYR A 19 10.94 -12.01 18.23
N GLY A 20 12.20 -11.87 18.65
CA GLY A 20 13.32 -12.62 18.09
C GLY A 20 14.12 -11.91 17.02
N VAL A 21 13.77 -10.67 16.68
CA VAL A 21 14.36 -10.01 15.52
C VAL A 21 14.50 -8.53 15.83
N LEU A 22 15.70 -8.02 15.65
CA LEU A 22 15.88 -6.58 15.61
C LEU A 22 14.87 -5.96 14.67
N THR A 23 14.01 -5.09 15.20
CA THR A 23 13.04 -4.38 14.38
C THR A 23 12.77 -3.00 14.97
N CYS A 24 11.93 -2.25 14.26
CA CYS A 24 11.52 -0.92 14.67
C CYS A 24 10.25 -1.01 15.50
N GLY A 25 9.92 0.11 16.15
CA GLY A 25 8.68 0.18 16.92
C GLY A 25 7.44 -0.14 16.11
N SER A 26 7.37 0.32 14.86
CA SER A 26 6.13 0.15 14.12
C SER A 26 5.99 -1.29 13.63
N CYS A 27 7.11 -1.98 13.42
CA CYS A 27 7.03 -3.38 13.00
C CYS A 27 6.72 -4.31 14.16
N LYS A 28 7.26 -4.03 15.36
CA LYS A 28 6.89 -4.82 16.54
C LYS A 28 5.36 -4.86 16.70
N VAL A 29 4.71 -3.69 16.74
CA VAL A 29 3.27 -3.67 16.97
C VAL A 29 2.53 -4.18 15.75
N PHE A 30 3.05 -3.88 14.55
CA PHE A 30 2.41 -4.41 13.35
C PHE A 30 2.38 -5.93 13.37
N PHE A 31 3.48 -6.56 13.82
CA PHE A 31 3.52 -8.01 13.80
C PHE A 31 2.57 -8.59 14.84
N LYS A 32 2.50 -8.01 16.02
CA LYS A 32 1.60 -8.61 17.00
C LYS A 32 0.16 -8.45 16.55
N ARG A 33 -0.19 -7.28 16.02
CA ARG A 33 -1.55 -7.09 15.52
C ARG A 33 -1.82 -8.01 14.32
N ALA A 34 -0.81 -8.34 13.50
CA ALA A 34 -1.06 -9.20 12.35
C ALA A 34 -1.32 -10.65 12.77
N VAL A 35 -0.62 -11.14 13.79
CA VAL A 35 -0.85 -12.50 14.25
C VAL A 35 -2.21 -12.62 14.92
N GLU A 36 -2.49 -11.74 15.87
CA GLU A 36 -3.63 -11.91 16.76
C GLU A 36 -4.88 -11.21 16.27
N GLY A 37 -4.86 -10.73 15.05
CA GLY A 37 -5.96 -9.95 14.53
C GLY A 37 -6.31 -10.48 13.17
N GLN A 38 -7.57 -10.29 12.80
CA GLN A 38 -8.05 -10.68 11.48
C GLN A 38 -7.81 -9.53 10.53
N HIS A 39 -7.25 -9.84 9.37
CA HIS A 39 -7.03 -8.83 8.34
C HIS A 39 -7.22 -9.48 6.97
N ASN A 40 -7.90 -8.78 6.06
CA ASN A 40 -7.89 -9.15 4.64
C ASN A 40 -6.74 -8.41 3.94
N TYR A 41 -5.52 -8.81 4.35
CA TYR A 41 -4.32 -8.28 3.71
C TYR A 41 -4.17 -8.99 2.38
N LEU A 42 -4.20 -8.23 1.30
CA LEU A 42 -4.06 -8.82 -0.02
C LEU A 42 -3.04 -8.01 -0.79
N CYS A 43 -2.02 -8.70 -1.31
CA CYS A 43 -0.99 -8.08 -2.11
C CYS A 43 -1.51 -7.78 -3.52
N ALA A 44 -1.02 -6.67 -4.08
CA ALA A 44 -1.44 -6.17 -5.38
C ALA A 44 -0.39 -6.36 -6.46
N GLY A 45 0.73 -6.97 -6.12
CA GLY A 45 1.76 -7.31 -7.08
C GLY A 45 1.93 -8.79 -7.27
N ARG A 46 2.99 -9.34 -6.62
CA ARG A 46 3.38 -10.74 -6.86
C ARG A 46 3.87 -11.43 -5.57
N ASN A 47 3.28 -11.04 -4.42
CA ASN A 47 3.71 -11.56 -3.11
C ASN A 47 5.22 -11.41 -2.89
N ASP A 48 5.75 -10.24 -3.24
CA ASP A 48 7.19 -10.07 -3.46
C ASP A 48 7.60 -8.61 -3.27
N CYS A 49 6.77 -7.78 -2.64
CA CYS A 49 6.98 -6.36 -2.56
C CYS A 49 8.21 -5.98 -1.75
N ILE A 50 8.69 -4.78 -2.08
CA ILE A 50 9.76 -4.11 -1.34
C ILE A 50 9.17 -3.47 -0.08
N ILE A 51 9.73 -3.80 1.08
CA ILE A 51 9.35 -3.23 2.36
C ILE A 51 10.47 -2.32 2.87
N ASP A 52 10.24 -1.00 2.81
CA ASP A 52 11.09 -0.02 3.44
C ASP A 52 10.24 0.98 4.21
N LYS A 53 10.83 2.10 4.68
CA LYS A 53 10.16 2.91 5.70
C LYS A 53 8.87 3.48 5.17
N ILE A 54 8.83 3.76 3.88
CA ILE A 54 7.60 4.22 3.23
C ILE A 54 6.76 3.05 2.71
N ARG A 55 7.34 2.30 1.76
CA ARG A 55 6.60 1.22 1.12
C ARG A 55 6.04 0.19 2.10
N ARG A 56 6.38 0.26 3.40
CA ARG A 56 5.90 -0.76 4.34
C ARG A 56 4.38 -0.69 4.50
N LYS A 57 3.82 0.52 4.58
CA LYS A 57 2.36 0.72 4.59
C LYS A 57 1.67 0.24 3.31
N ASN A 58 2.36 0.25 2.17
CA ASN A 58 1.76 -0.15 0.89
C ASN A 58 1.23 -1.56 0.89
N CYS A 59 1.98 -2.52 1.44
CA CYS A 59 1.61 -3.94 1.36
C CYS A 59 1.75 -4.61 2.70
N PRO A 60 0.74 -4.56 3.55
CA PRO A 60 0.85 -5.30 4.80
C PRO A 60 1.03 -6.79 4.60
N ALA A 61 0.40 -7.39 3.57
CA ALA A 61 0.57 -8.81 3.27
C ALA A 61 2.04 -9.19 3.13
N CYS A 62 2.78 -8.40 2.34
CA CYS A 62 4.19 -8.67 2.14
C CYS A 62 5.03 -8.21 3.35
N ARG A 63 4.54 -7.25 4.11
CA ARG A 63 5.18 -6.85 5.35
C ARG A 63 5.15 -8.01 6.37
N TYR A 64 3.94 -8.51 6.66
CA TYR A 64 3.79 -9.69 7.48
C TYR A 64 4.64 -10.85 6.96
N ARG A 65 4.74 -11.01 5.63
CA ARG A 65 5.48 -12.15 5.10
C ARG A 65 6.96 -12.00 5.41
N LYS A 66 7.49 -10.80 5.20
CA LYS A 66 8.88 -10.51 5.48
C LYS A 66 9.20 -10.55 6.98
N CYS A 67 8.24 -10.21 7.87
CA CYS A 67 8.42 -10.40 9.30
C CYS A 67 8.67 -11.88 9.62
N LEU A 68 7.78 -12.74 9.14
CA LEU A 68 7.92 -14.18 9.35
C LEU A 68 9.21 -14.74 8.74
N GLN A 69 9.58 -14.31 7.54
CA GLN A 69 10.84 -14.78 6.97
C GLN A 69 12.03 -14.30 7.78
N ALA A 70 11.88 -13.20 8.51
CA ALA A 70 12.96 -12.72 9.37
C ALA A 70 13.05 -13.51 10.67
N GLY A 71 12.04 -14.33 10.98
CA GLY A 71 12.01 -15.16 12.18
C GLY A 71 11.11 -14.68 13.31
N MET A 72 10.24 -13.70 13.09
CA MET A 72 9.45 -13.19 14.19
C MET A 72 8.45 -14.24 14.65
N ASN A 73 8.24 -14.31 15.96
CA ASN A 73 7.38 -15.30 16.59
C ASN A 73 7.04 -14.75 17.96
N LEU A 74 5.85 -15.08 18.46
CA LEU A 74 5.40 -14.53 19.73
C LEU A 74 5.83 -15.36 20.96
N GLU A 75 6.84 -16.21 20.82
CA GLU A 75 7.29 -17.05 21.95
C GLU A 75 8.81 -17.08 22.07
N MET D 4 -24.58 -0.51 -12.67
CA MET D 4 -24.17 -0.90 -14.01
C MET D 4 -23.09 0.04 -14.54
N LYS D 5 -22.48 0.81 -13.65
CA LYS D 5 -21.43 1.75 -14.04
C LYS D 5 -20.16 1.45 -13.26
N LEU D 6 -19.12 1.01 -13.96
CA LEU D 6 -17.85 0.67 -13.34
C LEU D 6 -16.80 1.76 -13.43
N CYS D 7 -15.99 1.88 -12.39
CA CYS D 7 -14.92 2.87 -12.37
C CYS D 7 -13.79 2.44 -13.32
N LEU D 8 -13.40 3.36 -14.20
CA LEU D 8 -12.32 3.10 -15.15
C LEU D 8 -10.95 3.04 -14.49
N VAL D 9 -10.83 3.46 -13.24
CA VAL D 9 -9.56 3.27 -12.54
C VAL D 9 -9.55 1.98 -11.72
N CYS D 10 -10.50 1.75 -10.82
CA CYS D 10 -10.45 0.59 -9.95
C CYS D 10 -11.52 -0.49 -10.19
N SER D 11 -12.54 -0.16 -10.97
CA SER D 11 -13.63 -1.07 -11.22
C SER D 11 -14.66 -1.18 -10.07
N ASP D 12 -14.86 -0.12 -9.28
CA ASP D 12 -15.85 -0.14 -8.21
C ASP D 12 -17.13 0.47 -8.80
N GLU D 13 -18.14 0.67 -7.97
CA GLU D 13 -19.34 1.28 -8.48
C GLU D 13 -19.16 2.74 -8.85
N ALA D 14 -18.64 3.02 -10.05
CA ALA D 14 -18.65 4.43 -10.50
C ALA D 14 -19.83 5.20 -9.93
N SER D 15 -19.58 6.47 -9.55
CA SER D 15 -20.63 7.35 -9.05
C SER D 15 -20.93 8.53 -9.96
N GLY D 16 -20.44 8.51 -11.19
CA GLY D 16 -20.54 9.67 -12.06
C GLY D 16 -19.28 9.85 -12.89
N CYS D 17 -19.27 10.86 -13.73
CA CYS D 17 -18.11 11.19 -14.55
C CYS D 17 -17.40 12.33 -13.84
N HIS D 18 -16.22 12.04 -13.32
CA HIS D 18 -15.45 12.97 -12.48
C HIS D 18 -14.11 13.25 -13.14
N TYR D 19 -13.72 14.52 -13.22
CA TYR D 19 -12.49 14.92 -13.91
C TYR D 19 -12.36 14.24 -15.27
N GLY D 20 -13.48 14.17 -15.98
CA GLY D 20 -13.49 13.65 -17.32
C GLY D 20 -13.66 12.16 -17.45
N VAL D 21 -13.67 11.42 -16.32
CA VAL D 21 -13.65 9.96 -16.36
C VAL D 21 -14.69 9.38 -15.41
N LEU D 22 -15.46 8.44 -15.90
CA LEU D 22 -16.31 7.61 -15.05
C LEU D 22 -15.46 6.96 -13.96
N THR D 23 -15.84 7.20 -12.70
CA THR D 23 -15.00 6.83 -11.56
C THR D 23 -15.85 6.69 -10.30
N CYS D 24 -15.38 5.82 -9.39
CA CYS D 24 -16.01 5.71 -8.09
C CYS D 24 -15.74 6.98 -7.28
N GLY D 25 -16.53 7.14 -6.23
CA GLY D 25 -16.27 8.23 -5.29
C GLY D 25 -14.84 8.23 -4.77
N SER D 26 -14.31 7.05 -4.47
CA SER D 26 -13.00 6.98 -3.82
C SER D 26 -11.92 7.49 -4.76
N CYS D 27 -12.05 7.18 -6.05
CA CYS D 27 -11.06 7.59 -7.00
C CYS D 27 -11.22 9.07 -7.37
N LYS D 28 -12.44 9.57 -7.27
CA LYS D 28 -12.71 10.99 -7.45
C LYS D 28 -11.84 11.78 -6.48
N VAL D 29 -12.00 11.48 -5.20
CA VAL D 29 -11.26 12.14 -4.12
C VAL D 29 -9.77 11.86 -4.23
N PHE D 30 -9.38 10.63 -4.50
CA PHE D 30 -7.94 10.35 -4.55
C PHE D 30 -7.26 11.18 -5.65
N PHE D 31 -7.88 11.30 -6.81
CA PHE D 31 -7.22 12.04 -7.88
C PHE D 31 -7.15 13.54 -7.56
N LYS D 32 -8.21 14.09 -6.95
CA LYS D 32 -8.17 15.47 -6.53
C LYS D 32 -7.05 15.73 -5.53
N ARG D 33 -6.89 14.86 -4.52
CA ARG D 33 -5.77 14.99 -3.58
C ARG D 33 -4.43 14.85 -4.31
N ALA D 34 -4.28 13.80 -5.11
CA ALA D 34 -3.03 13.55 -5.82
C ALA D 34 -2.68 14.69 -6.77
N VAL D 35 -3.66 15.22 -7.48
CA VAL D 35 -3.29 16.22 -8.47
C VAL D 35 -2.96 17.56 -7.81
N GLU D 36 -3.59 17.88 -6.68
CA GLU D 36 -3.46 19.18 -6.02
C GLU D 36 -2.14 19.35 -5.29
N GLY D 37 -1.70 18.31 -4.60
CA GLY D 37 -0.49 18.42 -3.82
C GLY D 37 0.62 17.62 -4.46
N GLN D 38 1.61 17.23 -3.68
CA GLN D 38 2.57 16.26 -4.17
C GLN D 38 1.86 14.92 -4.39
N HIS D 39 2.30 14.23 -5.43
CA HIS D 39 1.98 12.84 -5.62
C HIS D 39 3.27 12.05 -5.71
N ASN D 40 4.24 12.35 -4.82
CA ASN D 40 5.54 11.71 -4.91
C ASN D 40 5.48 10.28 -4.41
N TYR D 41 4.45 9.54 -4.80
CA TYR D 41 4.19 8.22 -4.25
C TYR D 41 5.23 7.22 -4.78
N LEU D 42 5.33 6.07 -4.11
CA LEU D 42 6.27 5.03 -4.52
C LEU D 42 5.57 3.68 -4.56
N CYS D 43 5.97 2.89 -5.56
CA CYS D 43 5.42 1.56 -5.79
C CYS D 43 6.35 0.55 -5.12
N ALA D 44 5.77 -0.42 -4.42
CA ALA D 44 6.56 -1.50 -3.83
C ALA D 44 6.70 -2.71 -4.75
N GLY D 45 6.02 -2.71 -5.90
CA GLY D 45 6.02 -3.82 -6.81
C GLY D 45 6.75 -3.49 -8.09
N ARG D 46 6.15 -3.81 -9.23
CA ARG D 46 6.81 -3.52 -10.49
C ARG D 46 6.07 -2.43 -11.29
N ASN D 47 5.49 -1.45 -10.61
CA ASN D 47 4.77 -0.39 -11.30
C ASN D 47 3.62 -0.95 -12.14
N ASP D 48 3.11 -2.14 -11.80
CA ASP D 48 1.92 -2.68 -12.44
C ASP D 48 1.02 -3.35 -11.45
N CYS D 49 0.85 -2.73 -10.30
CA CYS D 49 0.02 -3.33 -9.27
C CYS D 49 -1.43 -3.37 -9.73
N ILE D 50 -2.13 -4.43 -9.30
CA ILE D 50 -3.57 -4.57 -9.57
C ILE D 50 -4.35 -3.59 -8.69
N ILE D 51 -5.20 -2.80 -9.32
CA ILE D 51 -5.92 -1.70 -8.66
C ILE D 51 -7.40 -2.02 -8.80
N ASP D 52 -7.93 -2.85 -7.86
CA ASP D 52 -9.34 -3.20 -7.72
C ASP D 52 -9.89 -2.60 -6.41
N LYS D 53 -11.17 -2.82 -6.13
CA LYS D 53 -11.81 -2.19 -4.96
C LYS D 53 -11.03 -2.49 -3.69
N ILE D 54 -10.46 -3.69 -3.59
CA ILE D 54 -9.74 -4.11 -2.40
C ILE D 54 -8.36 -3.46 -2.34
N ARG D 55 -7.60 -3.56 -3.43
CA ARG D 55 -6.17 -3.33 -3.42
C ARG D 55 -5.78 -1.92 -3.86
N ARG D 56 -6.75 -1.06 -4.21
CA ARG D 56 -6.45 0.29 -4.67
C ARG D 56 -5.85 1.14 -3.56
N LYS D 57 -6.19 0.83 -2.32
CA LYS D 57 -5.53 1.43 -1.16
C LYS D 57 -4.03 1.18 -1.17
N ASN D 58 -3.57 0.05 -1.75
CA ASN D 58 -2.20 -0.43 -1.54
C ASN D 58 -1.17 0.44 -2.26
N CYS D 59 -1.47 0.90 -3.49
CA CYS D 59 -0.46 1.58 -4.30
C CYS D 59 -0.94 2.88 -4.90
N PRO D 60 -0.82 3.98 -4.17
CA PRO D 60 -1.07 5.31 -4.76
C PRO D 60 -0.36 5.53 -6.08
N ALA D 61 0.91 5.16 -6.16
CA ALA D 61 1.66 5.39 -7.39
C ALA D 61 0.97 4.75 -8.61
N CYS D 62 0.69 3.44 -8.55
CA CYS D 62 0.02 2.77 -9.64
C CYS D 62 -1.41 3.31 -9.84
N ARG D 63 -2.08 3.72 -8.74
CA ARG D 63 -3.45 4.22 -8.87
C ARG D 63 -3.46 5.56 -9.60
N TYR D 64 -2.55 6.46 -9.22
CA TYR D 64 -2.43 7.73 -9.90
C TYR D 64 -2.00 7.52 -11.35
N ARG D 65 -1.14 6.53 -11.61
CA ARG D 65 -0.73 6.27 -12.98
C ARG D 65 -1.94 5.90 -13.80
N LYS D 66 -2.81 5.05 -13.24
CA LYS D 66 -4.02 4.59 -13.92
C LYS D 66 -5.03 5.73 -14.11
N CYS D 67 -5.18 6.62 -13.12
CA CYS D 67 -5.98 7.84 -13.26
C CYS D 67 -5.58 8.63 -14.50
N LEU D 68 -4.27 8.89 -14.64
CA LEU D 68 -3.74 9.60 -15.80
C LEU D 68 -3.95 8.81 -17.08
N GLN D 69 -3.80 7.50 -17.03
CA GLN D 69 -3.95 6.68 -18.23
C GLN D 69 -5.37 6.79 -18.74
N ALA D 70 -6.33 6.80 -17.82
CA ALA D 70 -7.74 6.92 -18.12
C ALA D 70 -8.15 8.33 -18.56
N GLY D 71 -7.33 9.33 -18.32
CA GLY D 71 -7.59 10.66 -18.82
C GLY D 71 -8.04 11.68 -17.81
N MET D 72 -7.88 11.43 -16.52
CA MET D 72 -8.43 12.37 -15.56
C MET D 72 -7.62 13.65 -15.58
N ASN D 73 -8.31 14.79 -15.43
CA ASN D 73 -7.69 16.11 -15.50
C ASN D 73 -8.64 17.11 -14.88
N LEU D 74 -8.17 18.34 -14.70
CA LEU D 74 -9.04 19.41 -14.21
C LEU D 74 -9.55 20.31 -15.34
N GLU D 75 -10.39 19.74 -16.21
CA GLU D 75 -11.08 20.54 -17.22
C GLU D 75 -12.19 21.26 -16.48
ZN ZN E . 10.32 -1.78 10.74
ZN ZN F . 2.94 -7.32 -1.84
ZN ZN G . 2.47 -0.26 -7.61
ZN ZN H . -12.37 3.75 -8.47
#